data_1VJ3
#
_entry.id   1VJ3
#
_cell.length_a   37.481
_cell.length_b   43.137
_cell.length_c   61.288
_cell.angle_alpha   90.00
_cell.angle_beta   94.74
_cell.angle_gamma   90.00
#
_symmetry.space_group_name_H-M   'P 1 21 1'
#
loop_
_entity.id
_entity.type
_entity.pdbx_description
1 polymer 'DIHYDROFOLATE REDUCTASE'
2 non-polymer 'NADPH DIHYDRO-NICOTINAMIDE-ADENINE-DINUCLEOTIDE PHOSPHATE'
3 non-polymer 'ACETIC ACID N-[2-CHLORO-5-[6-ETHYL-2,4-DIAMINO-PYRIMID-5-YL]-PHENYL]-[BENZYL-TRIAZEN-3-YL]ETHYL ESTER'
4 water water
#
_entity_poly.entity_id   1
_entity_poly.type   'polypeptide(L)'
_entity_poly.pdbx_seq_one_letter_code
;NQQKSLTLIVALTTSYGIGRSNSLPWKLKKEISYFKRVTSFVPTFDSFESMNVVLMGRKTWESIPLQFRPLKGRINVVIT
RNESLDLGNGIHSAKSLDHALELLYRTYGSESSVQINRIFVIGGAQLYKAAMDHPKLDRIMATIIYKDIHCDVFFPLKFR
DKEWSSVWKKEKHSDLESWVGTKVPHGKINEDGFDYEFEMWTRDL
;
_entity_poly.pdbx_strand_id   A
#
loop_
_chem_comp.id
_chem_comp.type
_chem_comp.name
_chem_comp.formula
NDP non-polymer 'NADPH DIHYDRO-NICOTINAMIDE-ADENINE-DINUCLEOTIDE PHOSPHATE' 'C21 H30 N7 O17 P3'
TAB non-polymer 'ACETIC ACID N-[2-CHLORO-5-[6-ETHYL-2,4-DIAMINO-PYRIMID-5-YL]-PHENYL]-[BENZYL-TRIAZEN-3-YL]ETHYL ESTER' 'C23 H26 Cl N7 O2'
#
# COMPACT_ATOMS: atom_id res chain seq x y z
N ASN A 1 5.65 -13.64 15.01
CA ASN A 1 5.46 -13.09 13.66
C ASN A 1 4.21 -13.69 12.98
N GLN A 2 4.20 -13.31 11.71
CA GLN A 2 3.22 -13.54 10.67
C GLN A 2 2.41 -14.83 10.73
N GLN A 3 1.27 -14.57 10.08
CA GLN A 3 0.12 -15.42 9.84
C GLN A 3 -0.59 -15.19 8.51
N LYS A 4 -0.83 -13.94 8.17
CA LYS A 4 -1.49 -13.32 7.06
C LYS A 4 -0.58 -12.81 5.94
N SER A 5 -1.21 -12.68 4.78
CA SER A 5 -0.51 -12.20 3.57
C SER A 5 -0.41 -10.71 3.55
N LEU A 6 0.60 -10.17 2.93
CA LEU A 6 0.79 -8.75 2.72
C LEU A 6 0.32 -8.36 1.30
N THR A 7 -0.15 -7.12 1.22
CA THR A 7 -0.58 -6.44 -0.01
C THR A 7 0.21 -5.09 -0.02
N LEU A 8 0.84 -4.83 -1.15
CA LEU A 8 1.56 -3.65 -1.50
C LEU A 8 0.61 -2.75 -2.34
N ILE A 9 0.60 -1.48 -2.18
CA ILE A 9 -0.27 -0.57 -3.00
C ILE A 9 0.68 0.50 -3.52
N VAL A 10 0.66 0.73 -4.82
CA VAL A 10 1.58 1.72 -5.46
C VAL A 10 0.89 2.36 -6.66
N ALA A 11 1.33 3.56 -7.02
CA ALA A 11 0.92 4.33 -8.17
C ALA A 11 2.26 4.67 -8.83
N LEU A 12 2.51 4.16 -10.00
CA LEU A 12 3.83 4.46 -10.64
C LEU A 12 3.76 4.76 -12.14
N THR A 13 4.76 5.37 -12.70
CA THR A 13 4.73 5.65 -14.19
C THR A 13 5.21 4.37 -14.90
N THR A 14 5.17 4.43 -16.24
CA THR A 14 5.59 3.25 -17.02
C THR A 14 7.09 3.02 -16.84
N SER A 15 7.76 3.97 -16.25
CA SER A 15 9.20 3.78 -16.05
C SER A 15 9.43 3.36 -14.59
N TYR A 16 8.33 3.04 -13.87
CA TYR A 16 8.45 2.65 -12.46
C TYR A 16 8.77 3.81 -11.51
N GLY A 17 8.58 5.02 -11.93
CA GLY A 17 8.87 6.22 -11.11
C GLY A 17 7.80 6.39 -10.04
N ILE A 18 8.25 6.77 -8.86
CA ILE A 18 7.15 6.87 -7.81
C ILE A 18 7.16 8.22 -7.08
N GLY A 19 8.25 8.94 -7.19
CA GLY A 19 8.20 10.24 -6.50
C GLY A 19 9.36 11.09 -6.94
N ARG A 20 9.24 12.32 -6.50
CA ARG A 20 10.22 13.36 -6.75
C ARG A 20 10.07 14.36 -5.56
N SER A 21 11.21 14.76 -5.05
CA SER A 21 11.31 15.75 -3.96
C SER A 21 10.49 15.46 -2.69
N ASN A 22 10.47 14.22 -2.29
CA ASN A 22 9.76 13.70 -1.14
C ASN A 22 8.25 13.86 -1.29
N SER A 23 7.80 13.75 -2.52
CA SER A 23 6.38 13.84 -2.86
C SER A 23 6.08 12.97 -4.04
N LEU A 24 4.79 12.68 -4.15
CA LEU A 24 4.34 11.82 -5.33
C LEU A 24 4.18 12.98 -6.32
N PRO A 25 4.81 13.00 -7.48
CA PRO A 25 4.75 14.14 -8.41
C PRO A 25 3.53 14.52 -9.24
N TRP A 26 2.32 14.21 -8.82
CA TRP A 26 1.07 14.52 -9.53
C TRP A 26 -0.01 14.71 -8.47
N LYS A 27 -1.08 15.32 -8.88
CA LYS A 27 -2.33 15.74 -8.29
C LYS A 27 -3.57 14.99 -8.80
N LEU A 28 -3.86 13.80 -8.28
CA LEU A 28 -4.99 12.97 -8.73
C LEU A 28 -6.02 12.53 -7.69
N LYS A 29 -7.03 13.38 -7.55
CA LYS A 29 -8.15 13.29 -6.63
C LYS A 29 -8.96 12.01 -6.73
N LYS A 30 -9.11 11.48 -7.88
CA LYS A 30 -9.83 10.21 -8.06
C LYS A 30 -8.87 9.03 -7.85
N GLU A 31 -7.56 9.26 -8.00
CA GLU A 31 -6.63 8.12 -7.82
C GLU A 31 -6.42 8.09 -6.30
N ILE A 32 -6.24 9.18 -5.64
CA ILE A 32 -6.13 9.23 -4.16
C ILE A 32 -7.41 8.69 -3.53
N SER A 33 -8.55 8.90 -4.21
CA SER A 33 -9.84 8.41 -3.64
C SER A 33 -9.77 6.91 -3.71
N TYR A 34 -9.13 6.42 -4.78
CA TYR A 34 -9.01 4.92 -4.89
C TYR A 34 -8.18 4.38 -3.72
N PHE A 35 -7.08 5.00 -3.41
CA PHE A 35 -6.15 4.54 -2.30
C PHE A 35 -6.94 4.33 -1.00
N LYS A 36 -7.75 5.37 -0.75
CA LYS A 36 -8.64 5.40 0.42
C LYS A 36 -9.64 4.28 0.40
N ARG A 37 -10.38 3.94 -0.63
CA ARG A 37 -11.35 2.85 -0.59
C ARG A 37 -10.65 1.52 -0.29
N VAL A 38 -9.61 1.24 -1.09
CA VAL A 38 -8.85 0.01 -0.92
C VAL A 38 -8.39 -0.19 0.53
N THR A 39 -7.59 0.74 0.96
CA THR A 39 -7.00 0.73 2.32
C THR A 39 -7.95 0.81 3.51
N SER A 40 -9.23 1.16 3.39
CA SER A 40 -10.09 1.17 4.58
C SER A 40 -11.27 0.24 4.40
N PHE A 41 -11.33 -0.48 3.31
CA PHE A 41 -12.51 -1.38 3.15
C PHE A 41 -12.42 -2.78 3.72
N VAL A 42 -13.36 -3.07 4.60
CA VAL A 42 -13.57 -4.32 5.33
C VAL A 42 -15.00 -4.76 5.06
N PRO A 43 -15.22 -6.04 4.97
CA PRO A 43 -16.56 -6.59 4.72
C PRO A 43 -17.43 -6.19 5.91
N THR A 44 -18.67 -6.12 5.57
CA THR A 44 -19.87 -5.77 6.35
C THR A 44 -20.01 -6.62 7.60
N PHE A 45 -20.00 -7.92 7.35
CA PHE A 45 -20.08 -8.84 8.50
C PHE A 45 -18.83 -8.58 9.35
N ASP A 46 -17.67 -8.39 8.74
CA ASP A 46 -16.43 -8.15 9.48
C ASP A 46 -16.06 -6.72 9.87
N SER A 47 -16.63 -5.73 9.25
CA SER A 47 -16.39 -4.30 9.42
C SER A 47 -16.92 -3.89 10.80
N PHE A 48 -17.58 -4.91 11.29
CA PHE A 48 -18.22 -4.92 12.62
C PHE A 48 -17.13 -4.83 13.70
N GLU A 49 -16.13 -5.70 13.62
CA GLU A 49 -14.96 -5.86 14.48
C GLU A 49 -13.58 -5.44 13.95
N SER A 50 -13.22 -5.87 12.76
CA SER A 50 -12.06 -5.74 11.91
C SER A 50 -11.72 -4.35 11.36
N MET A 51 -10.46 -3.95 11.39
CA MET A 51 -9.83 -2.72 10.90
C MET A 51 -8.57 -3.03 10.07
N ASN A 52 -8.26 -2.30 9.00
CA ASN A 52 -7.02 -2.54 8.23
C ASN A 52 -5.86 -1.73 8.85
N VAL A 53 -4.70 -2.19 8.34
CA VAL A 53 -3.37 -1.63 8.65
C VAL A 53 -2.61 -1.01 7.52
N VAL A 54 -1.99 0.10 7.70
CA VAL A 54 -1.15 0.71 6.63
C VAL A 54 0.30 0.75 7.22
N LEU A 55 1.19 0.04 6.53
CA LEU A 55 2.60 0.04 6.93
C LEU A 55 3.37 1.01 6.02
N MET A 56 4.18 1.93 6.54
CA MET A 56 4.92 2.86 5.67
C MET A 56 6.27 3.18 6.30
N GLY A 57 7.21 3.58 5.50
CA GLY A 57 8.55 4.00 5.84
C GLY A 57 8.37 5.45 6.35
N ARG A 58 9.25 5.86 7.26
CA ARG A 58 9.00 7.22 7.75
C ARG A 58 9.14 8.27 6.66
N LYS A 59 10.01 8.27 5.65
CA LYS A 59 9.94 9.47 4.74
C LYS A 59 8.55 9.62 4.09
N THR A 60 7.85 8.50 3.94
CA THR A 60 6.51 8.50 3.35
C THR A 60 5.63 9.14 4.45
N TRP A 61 6.07 8.88 5.71
CA TRP A 61 5.29 9.44 6.83
C TRP A 61 5.30 10.98 6.72
N GLU A 62 6.44 11.59 6.71
CA GLU A 62 6.80 12.98 6.57
C GLU A 62 6.04 13.62 5.41
N SER A 63 6.21 12.97 4.26
CA SER A 63 5.75 13.25 2.91
C SER A 63 4.22 13.42 2.86
N ILE A 64 3.51 12.87 3.81
CA ILE A 64 2.04 12.99 3.89
C ILE A 64 1.68 14.40 4.41
N PRO A 65 0.60 14.97 3.89
CA PRO A 65 0.12 16.29 4.30
C PRO A 65 -0.40 16.25 5.74
N LEU A 66 0.20 17.07 6.57
CA LEU A 66 -0.10 17.20 8.01
C LEU A 66 -1.59 17.00 8.21
N GLN A 67 -2.34 17.65 7.34
CA GLN A 67 -3.80 17.57 7.32
C GLN A 67 -4.42 16.18 7.28
N PHE A 68 -3.92 15.21 6.50
CA PHE A 68 -4.48 13.87 6.34
C PHE A 68 -4.10 12.69 7.20
N ARG A 69 -3.19 12.86 8.12
CA ARG A 69 -2.73 11.81 9.04
C ARG A 69 -3.05 12.05 10.52
N PRO A 70 -3.00 10.97 11.26
CA PRO A 70 -2.68 9.59 10.84
C PRO A 70 -3.72 9.19 9.80
N LEU A 71 -3.44 8.38 8.81
CA LEU A 71 -4.50 8.06 7.83
C LEU A 71 -5.64 7.47 8.66
N LYS A 72 -6.85 7.99 8.40
CA LYS A 72 -8.08 7.58 9.08
C LYS A 72 -8.79 6.28 8.73
N GLY A 73 -9.22 5.66 9.81
CA GLY A 73 -9.95 4.38 9.71
C GLY A 73 -8.98 3.20 9.50
N ARG A 74 -7.74 3.60 9.81
CA ARG A 74 -6.67 2.60 9.67
C ARG A 74 -5.61 2.59 10.77
N ILE A 75 -5.07 1.39 10.97
CA ILE A 75 -3.99 1.32 11.96
C ILE A 75 -2.74 1.70 11.16
N ASN A 76 -2.07 2.75 11.60
CA ASN A 76 -0.91 3.30 11.00
C ASN A 76 0.34 2.81 11.78
N VAL A 77 1.31 2.34 11.01
CA VAL A 77 2.60 1.84 11.59
C VAL A 77 3.70 2.42 10.75
N VAL A 78 4.74 2.99 11.29
CA VAL A 78 5.89 3.60 10.64
C VAL A 78 7.15 2.78 10.89
N ILE A 79 7.76 2.26 9.86
CA ILE A 79 9.01 1.46 9.90
C ILE A 79 10.20 2.41 9.95
N THR A 80 10.90 2.50 11.09
CA THR A 80 12.04 3.38 11.34
C THR A 80 13.06 2.77 12.28
N ARG A 81 14.25 2.58 11.75
CA ARG A 81 15.40 1.98 12.42
C ARG A 81 15.88 2.75 13.64
N ASN A 82 15.50 3.99 13.67
CA ASN A 82 15.90 4.96 14.71
C ASN A 82 14.62 5.45 15.36
N GLU A 83 13.91 4.44 15.87
CA GLU A 83 12.63 4.67 16.58
C GLU A 83 13.04 5.34 17.91
N SER A 84 13.13 6.65 17.79
CA SER A 84 13.50 7.50 18.95
C SER A 84 12.22 7.93 19.68
N LEU A 85 11.42 8.65 18.93
CA LEU A 85 10.14 9.25 19.25
C LEU A 85 9.25 9.18 18.00
N ASP A 86 7.95 9.06 18.15
CA ASP A 86 7.02 9.02 17.00
C ASP A 86 5.92 10.03 17.40
N LEU A 87 5.80 11.13 16.67
CA LEU A 87 4.71 12.04 17.09
C LEU A 87 3.40 11.40 16.57
N GLY A 88 2.54 11.03 17.51
CA GLY A 88 1.22 10.42 17.27
C GLY A 88 0.52 10.14 18.60
N ASN A 89 -0.70 9.68 18.55
CA ASN A 89 -1.55 9.33 19.69
C ASN A 89 -2.12 7.91 19.47
N GLY A 90 -1.23 6.94 19.48
CA GLY A 90 -1.74 5.55 19.25
C GLY A 90 -1.14 5.11 17.91
N ILE A 91 -0.10 5.88 17.56
CA ILE A 91 0.63 5.59 16.30
C ILE A 91 1.87 4.77 16.64
N HIS A 92 1.91 3.56 16.09
CA HIS A 92 3.05 2.66 16.31
C HIS A 92 4.14 2.87 15.26
N SER A 93 5.33 2.56 15.68
CA SER A 93 6.59 2.59 14.93
C SER A 93 7.22 1.25 15.24
N ALA A 94 7.99 0.68 14.31
CA ALA A 94 8.65 -0.62 14.46
C ALA A 94 9.99 -0.59 13.75
N LYS A 95 10.89 -1.46 14.15
CA LYS A 95 12.26 -1.55 13.64
C LYS A 95 12.26 -2.09 12.20
N SER A 96 11.26 -2.91 11.91
CA SER A 96 11.26 -3.48 10.51
C SER A 96 9.90 -4.09 10.28
N LEU A 97 9.71 -4.65 9.06
CA LEU A 97 8.44 -5.23 8.75
C LEU A 97 8.04 -6.41 9.64
N ASP A 98 8.97 -7.28 9.96
CA ASP A 98 8.64 -8.47 10.82
C ASP A 98 8.37 -7.91 12.24
N HIS A 99 9.11 -6.85 12.52
CA HIS A 99 8.85 -6.23 13.86
C HIS A 99 7.45 -5.62 13.92
N ALA A 100 7.06 -4.96 12.88
CA ALA A 100 5.72 -4.35 12.73
C ALA A 100 4.69 -5.45 12.89
N LEU A 101 4.79 -6.58 12.23
CA LEU A 101 3.84 -7.68 12.37
C LEU A 101 3.80 -8.39 13.72
N GLU A 102 4.89 -8.48 14.47
CA GLU A 102 4.82 -9.14 15.80
C GLU A 102 4.14 -8.14 16.74
N LEU A 103 4.49 -6.89 16.50
CA LEU A 103 3.92 -5.75 17.23
C LEU A 103 2.39 -5.80 17.09
N LEU A 104 1.87 -5.85 15.86
CA LEU A 104 0.43 -5.85 15.66
C LEU A 104 -0.31 -7.06 16.25
N TYR A 105 0.24 -8.20 16.11
CA TYR A 105 -0.32 -9.48 16.60
C TYR A 105 -0.42 -9.40 18.13
N ARG A 106 0.64 -8.99 18.77
CA ARG A 106 0.90 -8.79 20.19
C ARG A 106 -0.12 -7.81 20.75
N THR A 107 -0.18 -6.69 20.06
CA THR A 107 -1.08 -5.57 20.39
C THR A 107 -2.52 -5.83 20.02
N TYR A 108 -2.84 -6.53 18.94
CA TYR A 108 -4.24 -6.81 18.57
C TYR A 108 -4.59 -8.29 18.59
N GLY A 109 -4.42 -8.86 19.76
CA GLY A 109 -4.62 -10.26 20.10
C GLY A 109 -6.01 -10.59 20.61
N SER A 110 -6.00 -11.03 21.85
CA SER A 110 -7.23 -11.45 22.55
C SER A 110 -7.78 -10.38 23.46
N GLU A 111 -6.90 -9.49 23.89
CA GLU A 111 -7.27 -8.38 24.77
C GLU A 111 -7.57 -7.19 23.87
N SER A 112 -8.46 -7.43 22.91
CA SER A 112 -8.80 -6.31 21.99
C SER A 112 -10.19 -6.51 21.41
N SER A 113 -10.77 -5.35 21.09
CA SER A 113 -12.12 -5.28 20.50
C SER A 113 -11.93 -5.05 19.00
N VAL A 114 -10.77 -4.51 18.66
CA VAL A 114 -10.27 -4.19 17.35
C VAL A 114 -9.38 -5.30 16.79
N GLN A 115 -9.86 -5.98 15.79
CA GLN A 115 -9.14 -7.04 15.09
C GLN A 115 -8.68 -6.47 13.71
N ILE A 116 -7.57 -7.01 13.22
CA ILE A 116 -6.90 -6.65 11.99
C ILE A 116 -7.67 -7.39 10.89
N ASN A 117 -7.87 -6.77 9.76
CA ASN A 117 -8.54 -7.37 8.58
C ASN A 117 -7.43 -7.70 7.58
N ARG A 118 -7.04 -6.69 6.82
CA ARG A 118 -5.99 -6.75 5.82
C ARG A 118 -4.88 -5.77 6.21
N ILE A 119 -3.69 -6.17 5.77
CA ILE A 119 -2.46 -5.46 5.94
C ILE A 119 -1.88 -4.95 4.64
N PHE A 120 -1.67 -3.70 4.44
CA PHE A 120 -1.14 -3.07 3.26
C PHE A 120 0.19 -2.42 3.47
N VAL A 121 1.17 -2.55 2.59
CA VAL A 121 2.41 -1.77 2.67
C VAL A 121 2.21 -0.63 1.66
N ILE A 122 2.34 0.61 2.11
CA ILE A 122 2.20 1.81 1.28
C ILE A 122 3.43 2.52 0.84
N GLY A 123 4.60 1.90 0.93
CA GLY A 123 5.88 2.48 0.58
C GLY A 123 6.74 3.15 1.61
N GLY A 124 7.79 3.90 1.26
CA GLY A 124 8.29 4.21 -0.06
C GLY A 124 9.22 3.12 -0.55
N ALA A 125 10.03 3.52 -1.52
CA ALA A 125 11.01 2.60 -2.15
C ALA A 125 11.77 1.69 -1.19
N GLN A 126 12.30 2.22 -0.09
CA GLN A 126 13.00 1.27 0.81
C GLN A 126 11.98 0.33 1.44
N LEU A 127 10.76 0.78 1.80
CA LEU A 127 9.87 -0.22 2.43
C LEU A 127 9.29 -1.22 1.40
N TYR A 128 9.15 -0.78 0.16
CA TYR A 128 8.68 -1.61 -0.94
C TYR A 128 9.73 -2.71 -1.27
N LYS A 129 10.98 -2.42 -1.15
CA LYS A 129 12.09 -3.38 -1.42
C LYS A 129 12.06 -4.55 -0.47
N ALA A 130 11.95 -4.38 0.83
CA ALA A 130 11.85 -5.31 1.95
C ALA A 130 10.59 -6.15 1.87
N ALA A 131 9.45 -5.60 1.41
CA ALA A 131 8.17 -6.34 1.25
C ALA A 131 8.17 -7.38 0.11
N MET A 132 8.78 -6.95 -0.97
CA MET A 132 9.05 -7.62 -2.23
C MET A 132 9.87 -8.87 -1.91
N ASP A 133 10.74 -8.77 -0.92
CA ASP A 133 11.53 -9.90 -0.43
C ASP A 133 10.83 -10.58 0.72
N HIS A 134 9.61 -10.28 1.12
CA HIS A 134 9.00 -10.98 2.30
C HIS A 134 8.27 -12.13 1.74
N PRO A 135 8.25 -13.32 2.40
CA PRO A 135 7.58 -14.50 1.95
C PRO A 135 6.07 -14.41 2.09
N LYS A 136 5.61 -13.31 2.64
CA LYS A 136 4.15 -13.16 2.80
C LYS A 136 3.52 -12.16 1.83
N LEU A 137 4.23 -11.45 1.04
CA LEU A 137 3.76 -10.48 0.04
C LEU A 137 3.34 -11.28 -1.18
N ASP A 138 1.99 -11.16 -1.45
CA ASP A 138 1.50 -11.91 -2.62
C ASP A 138 0.67 -11.09 -3.60
N ARG A 139 0.54 -9.78 -3.33
CA ARG A 139 -0.34 -9.00 -4.24
C ARG A 139 0.09 -7.57 -4.25
N ILE A 140 0.03 -7.02 -5.46
CA ILE A 140 0.41 -5.64 -5.77
C ILE A 140 -0.79 -4.89 -6.33
N MET A 141 -1.33 -3.87 -5.66
CA MET A 141 -2.49 -3.11 -6.18
C MET A 141 -1.75 -2.06 -6.99
N ALA A 142 -1.65 -2.10 -8.31
CA ALA A 142 -0.85 -0.97 -8.94
C ALA A 142 -1.74 -0.07 -9.83
N THR A 143 -1.36 1.18 -9.76
CA THR A 143 -1.95 2.25 -10.55
C THR A 143 -0.78 2.64 -11.51
N ILE A 144 -1.02 2.42 -12.78
CA ILE A 144 -0.02 2.74 -13.85
C ILE A 144 -0.28 4.06 -14.48
N ILE A 145 0.60 5.00 -14.43
CA ILE A 145 0.49 6.38 -14.97
C ILE A 145 1.28 6.36 -16.27
N TYR A 146 0.50 6.57 -17.31
CA TYR A 146 0.89 6.58 -18.72
C TYR A 146 1.47 7.92 -19.11
N LYS A 147 2.63 8.11 -18.48
CA LYS A 147 3.35 9.37 -18.77
C LYS A 147 4.63 9.29 -18.00
N ASP A 148 5.65 9.77 -18.69
CA ASP A 148 7.02 9.78 -18.15
C ASP A 148 7.33 11.11 -17.50
N ILE A 149 6.79 11.26 -16.31
CA ILE A 149 7.01 12.46 -15.49
C ILE A 149 8.37 12.29 -14.86
N HIS A 150 9.10 13.34 -14.62
CA HIS A 150 10.40 13.28 -13.95
C HIS A 150 10.24 12.86 -12.48
N CYS A 151 10.92 11.81 -12.10
CA CYS A 151 10.90 11.22 -10.74
C CYS A 151 12.35 11.08 -10.34
N ASP A 152 12.66 10.89 -9.09
CA ASP A 152 14.05 10.70 -8.62
C ASP A 152 14.04 9.45 -7.71
N VAL A 153 12.84 8.94 -7.51
CA VAL A 153 12.59 7.75 -6.66
C VAL A 153 11.87 6.73 -7.51
N PHE A 154 12.39 5.52 -7.51
CA PHE A 154 11.83 4.46 -8.34
C PHE A 154 11.37 3.22 -7.60
N PHE A 155 10.36 2.54 -8.03
CA PHE A 155 9.89 1.23 -7.47
C PHE A 155 11.04 0.24 -7.67
N PRO A 156 11.39 -0.56 -6.65
CA PRO A 156 12.54 -1.46 -6.72
C PRO A 156 12.57 -2.76 -7.52
N LEU A 157 11.43 -3.22 -7.97
CA LEU A 157 11.43 -4.50 -8.75
C LEU A 157 10.49 -4.26 -9.93
N LYS A 158 11.02 -4.53 -11.11
CA LYS A 158 10.30 -4.38 -12.38
C LYS A 158 9.36 -5.54 -12.67
N PHE A 159 8.38 -5.61 -11.79
CA PHE A 159 7.36 -6.71 -11.78
C PHE A 159 6.45 -6.88 -12.97
N ARG A 160 6.23 -5.76 -13.72
CA ARG A 160 5.34 -5.86 -14.89
C ARG A 160 6.20 -6.28 -16.10
N ASP A 161 7.50 -6.45 -15.94
CA ASP A 161 8.49 -6.76 -16.96
C ASP A 161 8.54 -8.24 -17.37
N LYS A 162 9.22 -8.48 -18.46
CA LYS A 162 9.35 -9.85 -19.03
C LYS A 162 10.06 -10.78 -18.07
N GLU A 163 11.12 -10.35 -17.44
CA GLU A 163 11.90 -11.07 -16.44
C GLU A 163 11.15 -11.63 -15.25
N TRP A 164 10.05 -10.99 -14.84
CA TRP A 164 9.21 -11.46 -13.74
C TRP A 164 7.89 -12.09 -14.14
N SER A 165 7.68 -12.26 -15.44
CA SER A 165 6.40 -12.82 -15.96
C SER A 165 6.01 -14.25 -15.57
N SER A 166 6.94 -15.07 -15.10
CA SER A 166 6.55 -16.42 -14.63
C SER A 166 6.17 -16.21 -13.14
N VAL A 167 6.53 -15.12 -12.43
CA VAL A 167 6.09 -15.11 -10.98
C VAL A 167 4.90 -14.21 -10.77
N TRP A 168 4.92 -12.98 -11.28
CA TRP A 168 3.88 -11.96 -11.19
C TRP A 168 3.03 -11.96 -12.45
N LYS A 169 1.75 -12.08 -12.15
CA LYS A 169 0.73 -12.21 -13.21
C LYS A 169 -0.30 -11.12 -13.06
N LYS A 170 -0.83 -10.61 -14.16
CA LYS A 170 -1.88 -9.53 -13.97
C LYS A 170 -3.20 -10.27 -13.87
N GLU A 171 -4.05 -9.91 -12.90
CA GLU A 171 -5.35 -10.56 -12.69
C GLU A 171 -6.52 -9.96 -13.46
N LYS A 172 -7.58 -10.70 -13.69
CA LYS A 172 -8.71 -10.12 -14.44
C LYS A 172 -9.28 -8.92 -13.69
N HIS A 173 -9.90 -8.00 -14.42
CA HIS A 173 -10.53 -6.80 -13.77
C HIS A 173 -11.65 -7.20 -12.78
N SER A 174 -12.41 -8.20 -13.21
CA SER A 174 -13.53 -8.68 -12.40
C SER A 174 -12.93 -9.19 -11.08
N ASP A 175 -11.72 -9.75 -11.14
CA ASP A 175 -11.29 -10.18 -9.77
C ASP A 175 -10.72 -9.00 -9.00
N LEU A 176 -10.29 -7.91 -9.58
CA LEU A 176 -9.77 -6.75 -8.85
C LEU A 176 -10.99 -6.18 -8.14
N GLU A 177 -12.09 -6.07 -8.86
CA GLU A 177 -13.37 -5.58 -8.31
C GLU A 177 -13.82 -6.43 -7.14
N SER A 178 -13.89 -7.72 -7.34
CA SER A 178 -14.31 -8.63 -6.30
C SER A 178 -13.43 -8.49 -5.06
N TRP A 179 -12.14 -8.22 -5.19
CA TRP A 179 -11.25 -8.11 -4.02
C TRP A 179 -11.45 -6.82 -3.28
N VAL A 180 -11.59 -5.71 -3.98
CA VAL A 180 -11.75 -4.40 -3.34
C VAL A 180 -13.23 -4.23 -2.98
N GLY A 181 -14.07 -4.97 -3.69
CA GLY A 181 -15.50 -4.85 -3.39
C GLY A 181 -16.26 -3.70 -3.99
N THR A 182 -15.63 -2.66 -4.45
CA THR A 182 -16.32 -1.52 -5.09
C THR A 182 -16.17 -1.77 -6.59
N LYS A 183 -17.16 -1.43 -7.41
CA LYS A 183 -16.93 -1.71 -8.87
C LYS A 183 -15.85 -0.72 -9.23
N VAL A 184 -15.04 -0.99 -10.23
CA VAL A 184 -13.96 -0.02 -10.54
C VAL A 184 -13.88 0.14 -12.03
N PRO A 185 -13.56 1.35 -12.43
CA PRO A 185 -13.42 1.70 -13.86
C PRO A 185 -12.37 0.88 -14.60
N HIS A 186 -12.80 0.30 -15.72
CA HIS A 186 -11.95 -0.53 -16.58
C HIS A 186 -11.30 0.40 -17.60
N GLY A 187 -10.14 0.08 -18.12
CA GLY A 187 -9.49 0.94 -19.08
C GLY A 187 -8.93 2.21 -18.44
N LYS A 188 -8.54 3.06 -19.38
CA LYS A 188 -7.91 4.33 -19.09
C LYS A 188 -8.87 5.34 -18.52
N ILE A 189 -8.33 6.11 -17.62
CA ILE A 189 -9.06 7.16 -16.89
C ILE A 189 -8.29 8.45 -17.17
N ASN A 190 -8.98 9.56 -17.47
CA ASN A 190 -8.26 10.81 -17.71
C ASN A 190 -8.68 11.85 -16.66
N GLU A 191 -7.61 12.26 -15.98
CA GLU A 191 -7.73 13.28 -14.93
C GLU A 191 -6.49 14.14 -14.99
N ASP A 192 -6.67 15.42 -15.18
CA ASP A 192 -5.70 16.51 -15.27
C ASP A 192 -4.57 16.32 -16.26
N GLY A 193 -4.99 15.80 -17.40
CA GLY A 193 -4.03 15.55 -18.48
C GLY A 193 -3.10 14.38 -18.17
N PHE A 194 -3.56 13.43 -17.38
CA PHE A 194 -2.73 12.25 -17.09
C PHE A 194 -3.68 11.06 -17.43
N ASP A 195 -3.09 10.00 -17.92
CA ASP A 195 -3.76 8.77 -18.27
C ASP A 195 -3.28 7.70 -17.24
N TYR A 196 -4.26 7.00 -16.71
CA TYR A 196 -3.90 5.96 -15.73
C TYR A 196 -4.89 4.79 -15.77
N GLU A 197 -4.42 3.77 -15.07
CA GLU A 197 -5.26 2.56 -14.98
C GLU A 197 -4.89 1.71 -13.78
N PHE A 198 -5.84 1.02 -13.20
CA PHE A 198 -5.75 0.14 -12.04
C PHE A 198 -5.49 -1.31 -12.46
N GLU A 199 -4.60 -1.92 -11.63
CA GLU A 199 -4.32 -3.33 -11.93
C GLU A 199 -4.06 -4.06 -10.59
N MET A 200 -4.13 -5.37 -10.69
CA MET A 200 -3.89 -6.29 -9.60
C MET A 200 -3.01 -7.39 -10.13
N TRP A 201 -1.85 -7.48 -9.52
CA TRP A 201 -0.80 -8.45 -9.83
C TRP A 201 -0.66 -9.37 -8.62
N THR A 202 -0.55 -10.65 -8.87
CA THR A 202 -0.43 -11.68 -7.86
C THR A 202 0.64 -12.71 -8.25
N ARG A 203 1.23 -13.28 -7.22
CA ARG A 203 2.30 -14.28 -7.16
C ARG A 203 1.85 -15.40 -6.21
N ASP A 204 2.41 -16.58 -6.33
CA ASP A 204 2.09 -17.75 -5.49
C ASP A 204 3.23 -17.76 -4.45
N LEU A 205 2.86 -18.04 -3.23
CA LEU A 205 3.85 -18.09 -2.12
C LEU A 205 4.55 -19.42 -2.10
PA NDP B . 10.53 5.24 2.68
O1A NDP B . 9.18 5.89 2.68
O2A NDP B . 10.62 3.83 2.37
O5B NDP B . 11.15 5.66 4.15
C5B NDP B . 12.60 5.57 4.34
C4B NDP B . 12.72 5.27 5.84
O4B NDP B . 11.98 4.35 6.21
C3B NDP B . 14.22 4.60 5.95
O3B NDP B . 14.82 5.96 5.97
C2B NDP B . 14.00 4.00 7.37
O2B NDP B . 13.94 5.04 8.29
C1B NDP B . 12.60 3.41 7.12
N9A NDP B . 12.68 2.10 6.51
C8A NDP B . 12.20 1.80 5.27
N7A NDP B . 12.36 0.53 4.94
C5A NDP B . 13.02 0.07 6.13
C6A NDP B . 13.55 -1.34 6.54
N6A NDP B . 13.45 -2.37 5.68
N1A NDP B . 14.06 -1.41 7.71
C2A NDP B . 14.10 -0.31 8.49
N3A NDP B . 13.72 0.91 8.28
C4A NDP B . 13.19 1.01 7.02
O3 NDP B . 11.44 6.17 1.79
PN NDP B . 11.77 6.46 0.24
O1N NDP B . 12.39 5.34 -0.33
O2N NDP B . 12.70 7.60 0.24
O5D NDP B . 10.50 7.05 -0.47
C5D NDP B . 9.56 8.06 -0.12
C4D NDP B . 9.22 8.73 -1.49
O4D NDP B . 8.41 7.72 -2.24
C3D NDP B . 8.41 10.07 -1.51
O3D NDP B . 8.57 10.73 -2.79
C2D NDP B . 6.97 9.48 -1.51
O2D NDP B . 6.05 10.40 -1.95
C1D NDP B . 7.15 8.40 -2.58
N1N NDP B . 6.01 7.37 -2.60
C2N NDP B . 5.18 7.16 -3.74
C3N NDP B . 4.24 6.21 -3.59
C7N NDP B . 3.32 5.95 -4.78
O7N NDP B . 2.43 5.14 -4.67
N7N NDP B . 3.62 6.74 -5.81
C4N NDP B . 3.99 5.38 -2.31
C5N NDP B . 4.97 5.75 -1.24
C6N NDP B . 5.88 6.68 -1.39
P2B NDP B . 15.04 5.87 9.31
O1X NDP B . 15.96 6.59 8.39
O2X NDP B . 15.84 4.69 9.89
O3X NDP B . 14.15 6.45 10.34
C1' TAB C . 0.84 8.70 -0.43
C2' TAB C . 2.21 8.84 -0.68
C3' TAB C . 2.70 7.99 -1.67
C4' TAB C . 1.86 7.11 -2.37
C5' TAB C . 0.52 7.00 -2.13
C6' TAB C . -0.01 7.84 -1.16
CL8 TAB C . 3.23 9.92 0.19
N8' TAB C . 0.27 9.43 0.51
C9' TAB C . -0.28 6.15 -2.88
C10 TAB C . -1.29 6.72 -3.72
C11 TAB C . -1.59 8.21 -3.75
N17 TAB C . -2.09 5.98 -4.52
C14 TAB C . -1.92 4.63 -4.50
N22 TAB C . -2.74 3.90 -5.32
N15 TAB C . -0.93 4.09 -3.74
C15 TAB C . -0.09 4.77 -2.96
N20 TAB C . 0.87 4.19 -2.17
N18 TAB C . -1.63 10.68 1.07
C19 TAB C . -0.86 11.87 0.68
C19 TAB C . -2.66 10.75 2.14
C20 TAB C . -1.09 8.80 -5.13
C21 TAB C . -2.78 10.83 1.89
C21 TAB C . -1.37 11.84 0.30
C22 TAB C . -4.08 10.35 1.25
C22 TAB C . -2.60 12.45 -0.32
O23 TAB C . -5.12 10.61 2.28
O23 TAB C . -2.12 13.09 -1.57
C24 TAB C . -5.80 9.47 2.48
C24 TAB C . -2.82 14.22 -1.78
C25 TAB C . -7.05 9.48 3.34
C25 TAB C . -3.78 14.73 -0.73
O26 TAB C . -5.61 8.31 2.02
O26 TAB C . -2.80 15.02 -2.75
C27 TAB C . -1.97 12.69 0.01
C27 TAB C . -4.16 10.40 2.08
C28 TAB C . -2.39 12.66 -1.33
C28 TAB C . -5.16 11.37 2.32
C29 TAB C . -2.63 13.58 0.89
C29 TAB C . -4.57 9.08 1.81
C30 TAB C . -3.66 14.42 0.49
C30 TAB C . -5.90 8.69 1.76
C31 TAB C . -4.06 14.36 -0.83
C31 TAB C . -6.87 9.65 1.97
C32 TAB C . -3.43 13.49 -1.71
C32 TAB C . -6.49 10.97 2.24
N65 TAB C . -1.05 9.39 0.80
#